data_1JEZ
#
_entry.id   1JEZ
#
_cell.length_a   110.840
_cell.length_b   63.350
_cell.length_c   103.160
_cell.angle_alpha   90.00
_cell.angle_beta   111.28
_cell.angle_gamma   90.00
#
_symmetry.space_group_name_H-M   'C 1 2 1'
#
loop_
_entity.id
_entity.type
_entity.pdbx_description
1 polymer 'XYLOSE REDUCTASE'
2 water water
#
_entity_poly.entity_id   1
_entity_poly.type   'polypeptide(L)'
_entity_poly.pdbx_seq_one_letter_code
;MSASIPDIKLSSGHLMPSIGFGCWKLANATAGEQVYQAIKAGYRLFDGAEDYGNEKEVGDGVKRAIDEGLVKREEIFLTS
KLWNNYHDPKNVETALNKTLADLKVDYVDLFLIHFPIAFKFVPIEEKYPPGFYCGDGNNFVYEDVPILETWKALEKLVAA
GKIKSIGVSNFPGALLLDLLRGATIKPAVLQVEHHPYLQQPKLIEFAQKAGVTITAYSSFGPQSFVEMNQGRALNTPTLF
AHDTIKAIAAKYNKTPAEVLLRWAAQRGIAVIPKSNLPERLVQNRSFNTFDLTKEDFEEIAKLDIGLRFNDPWDWDNIPI
FV
;
_entity_poly.pdbx_strand_id   A,B
#
# COMPACT_ATOMS: atom_id res chain seq x y z
N SER A 4 -34.97 12.86 0.02
CA SER A 4 -34.42 12.84 1.41
C SER A 4 -32.99 12.27 1.43
N ILE A 5 -32.70 11.33 0.52
CA ILE A 5 -31.36 10.72 0.43
C ILE A 5 -30.49 11.52 -0.54
N PRO A 6 -29.48 12.23 -0.04
CA PRO A 6 -28.58 13.02 -0.88
C PRO A 6 -27.78 12.16 -1.88
N ASP A 7 -27.54 12.68 -3.07
CA ASP A 7 -26.75 11.90 -4.04
C ASP A 7 -25.37 12.49 -4.16
N ILE A 8 -24.42 11.60 -4.43
CA ILE A 8 -23.03 12.00 -4.64
C ILE A 8 -22.75 11.77 -6.12
N LYS A 9 -22.21 12.76 -6.80
CA LYS A 9 -21.92 12.54 -8.21
C LYS A 9 -20.52 11.97 -8.33
N LEU A 10 -20.43 10.77 -8.91
CA LEU A 10 -19.17 10.09 -9.10
C LEU A 10 -18.39 10.71 -10.26
N SER A 11 -17.09 10.45 -10.30
CA SER A 11 -16.23 10.96 -11.37
C SER A 11 -16.66 10.45 -12.74
N SER A 12 -17.49 9.41 -12.74
CA SER A 12 -17.96 8.85 -14.00
C SER A 12 -19.10 9.70 -14.53
N GLY A 13 -19.61 10.60 -13.69
CA GLY A 13 -20.72 11.46 -14.07
C GLY A 13 -22.07 10.94 -13.62
N HIS A 14 -22.10 9.70 -13.11
CA HIS A 14 -23.35 9.11 -12.64
C HIS A 14 -23.57 9.46 -11.16
N LEU A 15 -24.84 9.65 -10.77
CA LEU A 15 -25.19 9.95 -9.38
C LEU A 15 -25.29 8.65 -8.62
N MET A 16 -24.88 8.66 -7.35
CA MET A 16 -24.96 7.49 -6.49
C MET A 16 -25.53 7.87 -5.13
N PRO A 17 -26.57 7.16 -4.67
CA PRO A 17 -27.18 7.45 -3.36
C PRO A 17 -26.13 7.39 -2.22
N SER A 18 -26.15 8.39 -1.35
CA SER A 18 -25.21 8.47 -0.24
C SER A 18 -25.52 7.49 0.87
N ILE A 19 -26.67 6.81 0.75
CA ILE A 19 -27.08 5.85 1.76
C ILE A 19 -27.66 4.64 1.07
N GLY A 20 -27.09 3.48 1.32
CA GLY A 20 -27.56 2.27 0.68
C GLY A 20 -27.95 1.15 1.60
N PHE A 21 -28.48 0.07 1.03
CA PHE A 21 -28.90 -1.10 1.79
C PHE A 21 -27.90 -2.22 1.60
N GLY A 22 -27.24 -2.62 2.70
CA GLY A 22 -26.26 -3.68 2.63
C GLY A 22 -26.85 -5.06 2.43
N CYS A 23 -26.32 -5.81 1.47
CA CYS A 23 -26.82 -7.15 1.21
C CYS A 23 -25.91 -8.18 1.85
N TRP A 24 -24.80 -7.72 2.40
CA TRP A 24 -23.84 -8.58 3.08
C TRP A 24 -24.58 -9.37 4.16
N LYS A 25 -24.42 -10.69 4.17
CA LYS A 25 -25.07 -11.55 5.16
C LYS A 25 -26.60 -11.61 5.14
N LEU A 26 -27.20 -11.26 4.00
CA LEU A 26 -28.66 -11.33 3.88
C LEU A 26 -28.98 -12.80 3.56
N ALA A 27 -29.73 -13.46 4.45
CA ALA A 27 -30.09 -14.88 4.27
C ALA A 27 -30.80 -15.14 2.94
N ASN A 28 -30.28 -16.09 2.17
CA ASN A 28 -30.88 -16.40 0.88
C ASN A 28 -32.40 -16.54 0.87
N ALA A 29 -32.94 -17.16 1.92
CA ALA A 29 -34.39 -17.37 1.98
C ALA A 29 -35.25 -16.11 2.07
N THR A 30 -34.72 -15.04 2.66
CA THR A 30 -35.50 -13.80 2.81
C THR A 30 -34.95 -12.59 2.07
N ALA A 31 -33.74 -12.71 1.54
CA ALA A 31 -33.10 -11.61 0.82
C ALA A 31 -34.04 -10.94 -0.17
N GLY A 32 -34.81 -11.74 -0.91
CA GLY A 32 -35.74 -11.20 -1.88
C GLY A 32 -36.72 -10.24 -1.24
N GLU A 33 -37.42 -10.74 -0.24
CA GLU A 33 -38.39 -9.95 0.51
C GLU A 33 -37.76 -8.70 1.11
N GLN A 34 -36.63 -8.89 1.80
CA GLN A 34 -35.96 -7.78 2.44
C GLN A 34 -35.57 -6.67 1.45
N VAL A 35 -35.10 -7.05 0.27
CA VAL A 35 -34.72 -6.05 -0.74
C VAL A 35 -35.99 -5.34 -1.25
N TYR A 36 -37.03 -6.12 -1.50
CA TYR A 36 -38.29 -5.57 -1.98
C TYR A 36 -38.80 -4.55 -0.98
N GLN A 37 -38.88 -4.94 0.30
CA GLN A 37 -39.36 -4.05 1.35
C GLN A 37 -38.46 -2.83 1.49
N ALA A 38 -37.16 -3.03 1.32
CA ALA A 38 -36.22 -1.91 1.43
C ALA A 38 -36.55 -0.88 0.36
N ILE A 39 -36.87 -1.35 -0.84
CA ILE A 39 -37.21 -0.46 -1.93
C ILE A 39 -38.49 0.28 -1.58
N LYS A 40 -39.42 -0.40 -0.90
CA LYS A 40 -40.67 0.25 -0.51
C LYS A 40 -40.36 1.27 0.57
N ALA A 41 -39.43 0.92 1.45
CA ALA A 41 -39.06 1.84 2.52
C ALA A 41 -38.25 3.01 1.96
N GLY A 42 -38.09 3.04 0.63
CA GLY A 42 -37.36 4.13 0.02
C GLY A 42 -35.89 3.94 -0.32
N TYR A 43 -35.34 2.76 -0.06
CA TYR A 43 -33.94 2.54 -0.40
C TYR A 43 -33.79 2.43 -1.92
N ARG A 44 -32.70 2.97 -2.47
CA ARG A 44 -32.47 2.92 -3.90
C ARG A 44 -31.15 2.25 -4.29
N LEU A 45 -30.13 2.38 -3.43
CA LEU A 45 -28.84 1.73 -3.69
C LEU A 45 -28.73 0.41 -2.91
N PHE A 46 -28.26 -0.63 -3.58
CA PHE A 46 -28.07 -1.92 -2.95
C PHE A 46 -26.64 -2.37 -3.18
N ASP A 47 -25.94 -2.52 -2.07
CA ASP A 47 -24.54 -2.90 -2.06
C ASP A 47 -24.43 -4.42 -1.94
N GLY A 48 -24.12 -5.07 -3.06
CA GLY A 48 -24.02 -6.50 -3.06
C GLY A 48 -22.62 -6.95 -3.45
N ALA A 49 -22.48 -8.24 -3.67
CA ALA A 49 -21.17 -8.77 -4.04
C ALA A 49 -21.30 -10.23 -4.42
N GLU A 50 -20.42 -10.69 -5.30
CA GLU A 50 -20.42 -12.07 -5.70
C GLU A 50 -20.20 -12.93 -4.48
N ASP A 51 -19.29 -12.53 -3.60
CA ASP A 51 -18.98 -13.31 -2.41
C ASP A 51 -20.11 -13.49 -1.41
N TYR A 52 -21.11 -12.61 -1.47
CA TYR A 52 -22.24 -12.68 -0.54
C TYR A 52 -23.15 -13.87 -0.82
N GLY A 53 -22.98 -14.47 -1.99
CA GLY A 53 -23.76 -15.64 -2.39
C GLY A 53 -25.27 -15.51 -2.47
N ASN A 54 -25.77 -14.29 -2.61
CA ASN A 54 -27.20 -14.07 -2.67
C ASN A 54 -27.67 -13.09 -3.75
N GLU A 55 -26.84 -12.84 -4.76
CA GLU A 55 -27.18 -11.91 -5.84
C GLU A 55 -28.44 -12.32 -6.59
N LYS A 56 -28.67 -13.62 -6.69
CA LYS A 56 -29.86 -14.13 -7.37
C LYS A 56 -31.12 -13.61 -6.63
N GLU A 57 -31.14 -13.77 -5.31
CA GLU A 57 -32.26 -13.33 -4.48
C GLU A 57 -32.40 -11.81 -4.46
N VAL A 58 -31.28 -11.10 -4.50
CA VAL A 58 -31.34 -9.65 -4.51
C VAL A 58 -31.99 -9.23 -5.84
N GLY A 59 -31.63 -9.91 -6.92
CA GLY A 59 -32.22 -9.61 -8.22
C GLY A 59 -33.72 -9.84 -8.14
N ASP A 60 -34.12 -10.88 -7.40
CA ASP A 60 -35.53 -11.19 -7.24
C ASP A 60 -36.30 -10.00 -6.68
N GLY A 61 -35.82 -9.45 -5.56
CA GLY A 61 -36.47 -8.31 -4.94
C GLY A 61 -36.57 -7.12 -5.88
N VAL A 62 -35.47 -6.82 -6.56
CA VAL A 62 -35.46 -5.72 -7.49
C VAL A 62 -36.48 -5.95 -8.62
N LYS A 63 -36.48 -7.17 -9.17
CA LYS A 63 -37.40 -7.50 -10.26
C LYS A 63 -38.88 -7.33 -9.87
N ARG A 64 -39.23 -7.74 -8.65
CA ARG A 64 -40.60 -7.61 -8.20
C ARG A 64 -40.98 -6.13 -8.13
N ALA A 65 -40.11 -5.34 -7.52
CA ALA A 65 -40.36 -3.91 -7.40
C ALA A 65 -40.57 -3.30 -8.79
N ILE A 66 -39.75 -3.70 -9.74
CA ILE A 66 -39.86 -3.18 -11.10
C ILE A 66 -41.11 -3.70 -11.79
N ASP A 67 -41.34 -5.02 -11.72
CA ASP A 67 -42.52 -5.57 -12.37
C ASP A 67 -43.77 -4.89 -11.81
N GLU A 68 -43.80 -4.66 -10.51
CA GLU A 68 -44.94 -4.01 -9.89
C GLU A 68 -45.06 -2.52 -10.21
N GLY A 69 -44.01 -1.92 -10.76
CA GLY A 69 -44.06 -0.49 -11.09
C GLY A 69 -43.66 0.45 -9.96
N LEU A 70 -43.01 -0.06 -8.92
CA LEU A 70 -42.59 0.77 -7.81
C LEU A 70 -41.43 1.68 -8.22
N VAL A 71 -40.57 1.20 -9.12
CA VAL A 71 -39.44 1.97 -9.63
C VAL A 71 -39.05 1.41 -10.98
N LYS A 72 -38.23 2.16 -11.70
CA LYS A 72 -37.73 1.71 -12.99
C LYS A 72 -36.28 1.34 -12.69
N ARG A 73 -35.71 0.45 -13.51
CA ARG A 73 -34.32 0.03 -13.34
C ARG A 73 -33.38 1.23 -13.18
N GLU A 74 -33.64 2.30 -13.93
CA GLU A 74 -32.78 3.49 -13.88
C GLU A 74 -32.90 4.32 -12.59
N GLU A 75 -33.81 3.91 -11.70
CA GLU A 75 -33.95 4.60 -10.43
C GLU A 75 -33.26 3.78 -9.33
N ILE A 76 -32.79 2.59 -9.70
CA ILE A 76 -32.12 1.70 -8.78
C ILE A 76 -30.61 1.70 -9.08
N PHE A 77 -29.80 1.70 -8.03
CA PHE A 77 -28.35 1.70 -8.17
C PHE A 77 -27.84 0.37 -7.61
N LEU A 78 -27.32 -0.45 -8.51
CA LEU A 78 -26.81 -1.76 -8.11
C LEU A 78 -25.30 -1.80 -8.09
N THR A 79 -24.78 -2.14 -6.91
CA THR A 79 -23.35 -2.28 -6.75
C THR A 79 -23.05 -3.76 -6.54
N SER A 80 -22.00 -4.26 -7.20
CA SER A 80 -21.58 -5.63 -7.01
C SER A 80 -20.07 -5.57 -6.95
N LYS A 81 -19.42 -6.68 -6.62
CA LYS A 81 -17.96 -6.67 -6.51
C LYS A 81 -17.33 -7.93 -7.10
N LEU A 82 -16.25 -7.73 -7.85
CA LEU A 82 -15.50 -8.84 -8.48
C LEU A 82 -14.70 -9.58 -7.42
N TRP A 83 -15.03 -10.85 -7.19
CA TRP A 83 -14.31 -11.61 -6.18
C TRP A 83 -12.88 -11.96 -6.63
N ASN A 84 -12.06 -12.29 -5.64
CA ASN A 84 -10.62 -12.60 -5.78
C ASN A 84 -10.20 -13.64 -6.78
N ASN A 85 -11.05 -14.63 -7.03
CA ASN A 85 -10.70 -15.68 -7.97
C ASN A 85 -10.78 -15.22 -9.43
N TYR A 86 -11.42 -14.08 -9.65
CA TYR A 86 -11.64 -13.60 -11.00
C TYR A 86 -10.85 -12.39 -11.49
N HIS A 87 -9.62 -12.25 -11.00
CA HIS A 87 -8.77 -11.13 -11.42
C HIS A 87 -8.13 -11.26 -12.82
N ASP A 88 -7.87 -12.48 -13.26
CA ASP A 88 -7.27 -12.71 -14.59
C ASP A 88 -8.25 -12.14 -15.63
N PRO A 89 -7.78 -11.23 -16.48
CA PRO A 89 -8.64 -10.62 -17.51
C PRO A 89 -9.65 -11.54 -18.20
N LYS A 90 -9.22 -12.74 -18.59
CA LYS A 90 -10.14 -13.65 -19.28
C LYS A 90 -11.29 -14.17 -18.40
N ASN A 91 -11.22 -13.94 -17.09
CA ASN A 91 -12.24 -14.41 -16.17
C ASN A 91 -13.12 -13.29 -15.59
N VAL A 92 -12.64 -12.06 -15.67
CA VAL A 92 -13.40 -10.93 -15.17
C VAL A 92 -14.81 -10.93 -15.75
N GLU A 93 -14.92 -10.99 -17.09
CA GLU A 93 -16.23 -10.99 -17.72
C GLU A 93 -17.07 -12.22 -17.32
N THR A 94 -16.41 -13.35 -17.15
CA THR A 94 -17.11 -14.55 -16.72
C THR A 94 -17.83 -14.26 -15.40
N ALA A 95 -17.10 -13.66 -14.46
CA ALA A 95 -17.68 -13.32 -13.16
C ALA A 95 -18.78 -12.26 -13.32
N LEU A 96 -18.53 -11.25 -14.16
CA LEU A 96 -19.54 -10.20 -14.35
C LEU A 96 -20.84 -10.78 -14.89
N ASN A 97 -20.73 -11.67 -15.87
CA ASN A 97 -21.93 -12.29 -16.47
C ASN A 97 -22.72 -13.04 -15.42
N LYS A 98 -22.02 -13.75 -14.54
CA LYS A 98 -22.67 -14.50 -13.49
C LYS A 98 -23.44 -13.51 -12.62
N THR A 99 -22.79 -12.40 -12.24
CA THR A 99 -23.44 -11.37 -11.43
C THR A 99 -24.66 -10.76 -12.15
N LEU A 100 -24.53 -10.43 -13.43
CA LEU A 100 -25.64 -9.83 -14.19
C LEU A 100 -26.82 -10.78 -14.32
N ALA A 101 -26.53 -12.06 -14.60
CA ALA A 101 -27.60 -13.04 -14.75
C ALA A 101 -28.29 -13.34 -13.41
N ASP A 102 -27.55 -13.27 -12.30
CA ASP A 102 -28.17 -13.51 -11.00
C ASP A 102 -29.05 -12.29 -10.69
N LEU A 103 -28.48 -11.10 -10.85
CA LEU A 103 -29.20 -9.86 -10.61
C LEU A 103 -30.31 -9.65 -11.66
N LYS A 104 -30.18 -10.32 -12.82
CA LYS A 104 -31.16 -10.21 -13.90
C LYS A 104 -31.23 -8.80 -14.49
N VAL A 105 -30.08 -8.24 -14.80
CA VAL A 105 -30.02 -6.91 -15.36
C VAL A 105 -28.97 -6.95 -16.44
N ASP A 106 -29.01 -5.96 -17.34
CA ASP A 106 -28.06 -5.87 -18.43
C ASP A 106 -26.77 -5.18 -18.00
N TYR A 107 -26.80 -4.48 -16.88
CA TYR A 107 -25.62 -3.79 -16.39
C TYR A 107 -25.73 -3.51 -14.91
N VAL A 108 -24.59 -3.32 -14.26
CA VAL A 108 -24.57 -2.96 -12.84
C VAL A 108 -24.14 -1.51 -12.83
N ASP A 109 -24.56 -0.76 -11.82
CA ASP A 109 -24.19 0.64 -11.74
C ASP A 109 -22.76 0.81 -11.25
N LEU A 110 -22.32 -0.10 -10.39
CA LEU A 110 -20.97 -0.05 -9.84
C LEU A 110 -20.40 -1.44 -9.63
N PHE A 111 -19.19 -1.65 -10.12
CA PHE A 111 -18.51 -2.92 -9.97
C PHE A 111 -17.15 -2.62 -9.36
N LEU A 112 -16.88 -3.17 -8.17
CA LEU A 112 -15.63 -2.91 -7.48
C LEU A 112 -14.72 -4.12 -7.43
N ILE A 113 -13.41 -3.87 -7.44
CA ILE A 113 -12.48 -4.99 -7.25
C ILE A 113 -12.62 -5.23 -5.73
N HIS A 114 -13.18 -6.38 -5.37
CA HIS A 114 -13.44 -6.63 -3.96
C HIS A 114 -12.22 -6.53 -3.06
N PHE A 115 -11.09 -7.09 -3.51
CA PHE A 115 -9.85 -7.06 -2.75
C PHE A 115 -8.64 -6.99 -3.67
N PRO A 116 -7.56 -6.32 -3.23
CA PRO A 116 -6.40 -6.28 -4.12
C PRO A 116 -5.63 -7.61 -3.90
N ILE A 117 -6.33 -8.71 -4.15
CA ILE A 117 -5.85 -10.08 -3.96
C ILE A 117 -6.28 -10.99 -5.13
N ALA A 118 -5.33 -11.71 -5.74
CA ALA A 118 -5.68 -12.58 -6.85
C ALA A 118 -5.60 -14.09 -6.53
N PHE A 119 -6.74 -14.69 -6.16
CA PHE A 119 -6.80 -16.13 -5.88
C PHE A 119 -6.81 -16.83 -7.24
N LYS A 120 -6.32 -18.07 -7.28
CA LYS A 120 -6.33 -18.82 -8.53
C LYS A 120 -7.79 -19.00 -8.99
N PHE A 121 -8.04 -18.82 -10.28
CA PHE A 121 -9.41 -18.98 -10.82
C PHE A 121 -10.04 -20.33 -10.50
N VAL A 122 -11.34 -20.31 -10.23
CA VAL A 122 -12.11 -21.51 -9.97
C VAL A 122 -13.38 -21.41 -10.81
N PRO A 123 -13.65 -22.40 -11.67
CA PRO A 123 -14.85 -22.36 -12.51
C PRO A 123 -16.10 -22.18 -11.66
N ILE A 124 -17.07 -21.45 -12.19
CA ILE A 124 -18.32 -21.18 -11.49
C ILE A 124 -19.02 -22.49 -11.09
N GLU A 125 -19.08 -23.42 -12.04
CA GLU A 125 -19.71 -24.71 -11.78
C GLU A 125 -18.92 -25.58 -10.80
N GLU A 126 -17.69 -25.20 -10.48
CA GLU A 126 -16.93 -26.00 -9.54
C GLU A 126 -17.33 -25.60 -8.12
N LYS A 127 -17.42 -24.31 -7.88
CA LYS A 127 -17.84 -23.82 -6.57
C LYS A 127 -18.20 -22.37 -6.68
N TYR A 128 -19.41 -22.01 -6.24
CA TYR A 128 -19.83 -20.63 -6.26
C TYR A 128 -20.78 -20.27 -5.13
N PRO A 129 -20.47 -19.21 -4.36
CA PRO A 129 -19.26 -18.39 -4.52
C PRO A 129 -18.11 -19.22 -3.96
N PRO A 130 -16.93 -19.13 -4.57
CA PRO A 130 -15.77 -19.90 -4.10
C PRO A 130 -15.17 -19.50 -2.73
N GLY A 131 -15.36 -18.25 -2.30
CA GLY A 131 -14.79 -17.85 -1.02
C GLY A 131 -13.27 -17.99 -1.01
N PHE A 132 -12.71 -18.67 -0.01
CA PHE A 132 -11.26 -18.86 0.09
C PHE A 132 -10.77 -20.09 -0.67
N TYR A 133 -11.71 -20.80 -1.29
CA TYR A 133 -11.35 -21.99 -2.07
C TYR A 133 -10.56 -21.57 -3.31
N CYS A 134 -9.42 -22.22 -3.51
CA CYS A 134 -8.61 -21.88 -4.67
C CYS A 134 -8.32 -23.08 -5.55
N GLY A 135 -9.25 -24.03 -5.57
CA GLY A 135 -9.10 -25.22 -6.37
C GLY A 135 -8.09 -26.25 -5.88
N ASP A 136 -7.80 -26.28 -4.59
CA ASP A 136 -6.84 -27.24 -4.07
C ASP A 136 -7.01 -27.42 -2.57
N GLY A 137 -8.04 -28.18 -2.23
CA GLY A 137 -8.36 -28.44 -0.84
C GLY A 137 -8.56 -27.13 -0.12
N ASN A 138 -7.92 -26.97 1.03
CA ASN A 138 -8.06 -25.74 1.79
C ASN A 138 -6.88 -24.82 1.59
N ASN A 139 -6.03 -25.14 0.61
CA ASN A 139 -4.86 -24.32 0.34
C ASN A 139 -5.19 -23.08 -0.46
N PHE A 140 -4.50 -22.01 -0.12
CA PHE A 140 -4.67 -20.76 -0.83
C PHE A 140 -3.67 -20.84 -1.98
N VAL A 141 -4.12 -20.50 -3.18
CA VAL A 141 -3.27 -20.50 -4.37
C VAL A 141 -3.54 -19.15 -5.04
N TYR A 142 -2.47 -18.48 -5.48
CA TYR A 142 -2.63 -17.16 -6.08
C TYR A 142 -2.30 -17.13 -7.57
N GLU A 143 -2.62 -16.02 -8.24
CA GLU A 143 -2.32 -15.83 -9.66
C GLU A 143 -1.52 -14.56 -9.82
N ASP A 144 -0.53 -14.57 -10.72
CA ASP A 144 0.27 -13.38 -10.95
C ASP A 144 -0.44 -12.40 -11.88
N VAL A 145 -1.48 -11.76 -11.35
CA VAL A 145 -2.23 -10.80 -12.14
C VAL A 145 -2.22 -9.43 -11.47
N PRO A 146 -1.41 -8.50 -12.02
CA PRO A 146 -1.31 -7.14 -11.47
C PRO A 146 -2.69 -6.48 -11.51
N ILE A 147 -2.92 -5.58 -10.56
CA ILE A 147 -4.20 -4.86 -10.46
C ILE A 147 -4.58 -4.14 -11.75
N LEU A 148 -3.62 -3.49 -12.41
CA LEU A 148 -3.93 -2.77 -13.64
C LEU A 148 -4.47 -3.69 -14.74
N GLU A 149 -4.03 -4.94 -14.77
CA GLU A 149 -4.54 -5.88 -15.77
C GLU A 149 -6.02 -6.12 -15.55
N THR A 150 -6.40 -6.25 -14.29
CA THR A 150 -7.79 -6.48 -13.93
C THR A 150 -8.58 -5.21 -14.25
N TRP A 151 -7.97 -4.05 -13.97
CA TRP A 151 -8.62 -2.76 -14.19
C TRP A 151 -8.91 -2.51 -15.67
N LYS A 152 -7.91 -2.76 -16.53
CA LYS A 152 -8.11 -2.57 -17.97
C LYS A 152 -9.27 -3.46 -18.44
N ALA A 153 -9.38 -4.67 -17.88
CA ALA A 153 -10.47 -5.55 -18.25
C ALA A 153 -11.79 -4.88 -17.89
N LEU A 154 -11.85 -4.27 -16.70
CA LEU A 154 -13.07 -3.59 -16.27
C LEU A 154 -13.36 -2.36 -17.15
N GLU A 155 -12.32 -1.64 -17.57
CA GLU A 155 -12.52 -0.48 -18.42
C GLU A 155 -13.20 -0.93 -19.71
N LYS A 156 -12.75 -2.07 -20.25
CA LYS A 156 -13.35 -2.59 -21.47
C LYS A 156 -14.81 -2.95 -21.25
N LEU A 157 -15.17 -3.43 -20.05
CA LEU A 157 -16.55 -3.78 -19.81
C LEU A 157 -17.43 -2.54 -19.65
N VAL A 158 -16.83 -1.41 -19.29
CA VAL A 158 -17.59 -0.17 -19.19
C VAL A 158 -17.87 0.26 -20.62
N ALA A 159 -16.86 0.19 -21.48
CA ALA A 159 -17.03 0.54 -22.89
C ALA A 159 -18.11 -0.35 -23.52
N ALA A 160 -18.20 -1.60 -23.08
CA ALA A 160 -19.21 -2.52 -23.61
C ALA A 160 -20.60 -2.25 -23.05
N GLY A 161 -20.71 -1.28 -22.13
CA GLY A 161 -22.02 -0.96 -21.56
C GLY A 161 -22.56 -1.93 -20.52
N LYS A 162 -21.70 -2.73 -19.90
CA LYS A 162 -22.14 -3.70 -18.90
C LYS A 162 -21.95 -3.21 -17.46
N ILE A 163 -21.24 -2.10 -17.31
CA ILE A 163 -20.98 -1.48 -16.02
C ILE A 163 -20.97 0.03 -16.25
N LYS A 164 -21.68 0.78 -15.40
CA LYS A 164 -21.69 2.22 -15.55
C LYS A 164 -20.48 2.91 -14.87
N SER A 165 -20.13 2.49 -13.66
CA SER A 165 -18.97 3.06 -12.95
C SER A 165 -18.13 1.95 -12.29
N ILE A 166 -16.82 2.13 -12.23
CA ILE A 166 -15.96 1.14 -11.59
C ILE A 166 -15.16 1.73 -10.45
N GLY A 167 -14.79 0.86 -9.50
CA GLY A 167 -14.05 1.29 -8.34
C GLY A 167 -13.33 0.14 -7.65
N VAL A 168 -12.82 0.39 -6.45
CA VAL A 168 -12.08 -0.62 -5.72
C VAL A 168 -12.46 -0.62 -4.25
N SER A 169 -12.25 -1.75 -3.59
CA SER A 169 -12.54 -1.89 -2.15
C SER A 169 -11.27 -2.35 -1.47
N ASN A 170 -11.13 -1.96 -0.21
CA ASN A 170 -9.99 -2.43 0.58
C ASN A 170 -8.62 -2.14 -0.01
N PHE A 171 -8.49 -1.01 -0.72
CA PHE A 171 -7.21 -0.62 -1.30
C PHE A 171 -6.51 0.38 -0.38
N PRO A 172 -5.24 0.14 -0.04
CA PRO A 172 -4.56 1.13 0.81
C PRO A 172 -4.12 2.28 -0.11
N GLY A 173 -3.67 3.40 0.49
CA GLY A 173 -3.24 4.57 -0.25
C GLY A 173 -2.18 4.42 -1.35
N ALA A 174 -1.08 3.71 -1.09
CA ALA A 174 -0.03 3.56 -2.11
C ALA A 174 -0.55 2.80 -3.34
N LEU A 175 -1.45 1.85 -3.11
CA LEU A 175 -1.98 1.05 -4.19
C LEU A 175 -2.97 1.88 -5.00
N LEU A 176 -3.84 2.62 -4.32
CA LEU A 176 -4.81 3.47 -5.01
C LEU A 176 -4.03 4.47 -5.84
N LEU A 177 -3.00 5.08 -5.24
CA LEU A 177 -2.17 6.05 -5.95
C LEU A 177 -1.61 5.46 -7.26
N ASP A 178 -1.00 4.27 -7.18
CA ASP A 178 -0.45 3.66 -8.38
C ASP A 178 -1.51 3.35 -9.45
N LEU A 179 -2.69 2.89 -9.03
CA LEU A 179 -3.77 2.61 -9.96
C LEU A 179 -4.15 3.90 -10.71
N LEU A 180 -4.28 5.01 -9.97
CA LEU A 180 -4.61 6.31 -10.57
C LEU A 180 -3.63 6.67 -11.70
N ARG A 181 -2.39 6.19 -11.58
CA ARG A 181 -1.37 6.44 -12.59
C ARG A 181 -1.57 5.66 -13.89
N GLY A 182 -2.18 4.48 -13.84
CA GLY A 182 -2.36 3.72 -15.07
C GLY A 182 -3.78 3.61 -15.60
N ALA A 183 -4.74 4.08 -14.81
CA ALA A 183 -6.15 3.99 -15.22
C ALA A 183 -6.61 5.08 -16.17
N THR A 184 -7.38 4.67 -17.18
CA THR A 184 -7.94 5.61 -18.15
C THR A 184 -9.27 6.06 -17.53
N ILE A 185 -10.04 5.13 -16.99
CA ILE A 185 -11.27 5.50 -16.29
C ILE A 185 -10.86 5.43 -14.82
N LYS A 186 -10.70 6.59 -14.19
CA LYS A 186 -10.28 6.64 -12.79
C LYS A 186 -11.24 5.89 -11.88
N PRO A 187 -10.71 5.16 -10.90
CA PRO A 187 -11.59 4.43 -9.98
C PRO A 187 -12.50 5.49 -9.33
N ALA A 188 -13.81 5.34 -9.51
CA ALA A 188 -14.79 6.29 -9.00
C ALA A 188 -15.10 6.17 -7.53
N VAL A 189 -14.92 4.97 -7.00
CA VAL A 189 -15.22 4.71 -5.62
C VAL A 189 -14.13 3.90 -4.93
N LEU A 190 -13.93 4.20 -3.64
CA LEU A 190 -13.02 3.48 -2.80
C LEU A 190 -13.91 3.06 -1.63
N GLN A 191 -14.18 1.77 -1.52
CA GLN A 191 -14.99 1.28 -0.43
C GLN A 191 -14.02 0.67 0.58
N VAL A 192 -14.08 1.15 1.83
CA VAL A 192 -13.20 0.63 2.88
C VAL A 192 -13.90 0.51 4.20
N GLU A 193 -13.30 -0.31 5.06
CA GLU A 193 -13.81 -0.49 6.41
C GLU A 193 -13.60 0.89 7.02
N HIS A 194 -14.66 1.43 7.61
CA HIS A 194 -14.57 2.77 8.17
C HIS A 194 -15.50 2.96 9.38
N HIS A 195 -14.92 3.35 10.51
CA HIS A 195 -15.66 3.57 11.74
C HIS A 195 -14.74 4.27 12.75
N PRO A 196 -15.30 4.74 13.88
CA PRO A 196 -14.49 5.44 14.91
C PRO A 196 -13.19 4.78 15.38
N TYR A 197 -13.07 3.45 15.25
CA TYR A 197 -11.84 2.78 15.67
C TYR A 197 -10.86 2.59 14.50
N LEU A 198 -11.32 2.88 13.28
CA LEU A 198 -10.49 2.77 12.08
C LEU A 198 -10.87 3.93 11.18
N GLN A 199 -10.37 5.11 11.51
CA GLN A 199 -10.73 6.33 10.77
C GLN A 199 -9.89 6.65 9.55
N GLN A 200 -8.65 6.17 9.54
CA GLN A 200 -7.72 6.41 8.46
C GLN A 200 -7.98 7.76 7.77
N PRO A 201 -7.91 8.88 8.55
CA PRO A 201 -8.14 10.24 8.02
C PRO A 201 -7.25 10.67 6.85
N LYS A 202 -6.03 10.16 6.78
CA LYS A 202 -5.13 10.53 5.68
C LYS A 202 -5.57 9.84 4.37
N LEU A 203 -6.00 8.58 4.47
CA LEU A 203 -6.45 7.85 3.29
C LEU A 203 -7.70 8.52 2.73
N ILE A 204 -8.65 8.82 3.60
CA ILE A 204 -9.89 9.47 3.20
C ILE A 204 -9.60 10.79 2.46
N GLU A 205 -8.74 11.60 3.07
CA GLU A 205 -8.36 12.90 2.52
C GLU A 205 -7.72 12.82 1.15
N PHE A 206 -6.75 11.93 1.01
CA PHE A 206 -6.09 11.76 -0.26
C PHE A 206 -7.07 11.32 -1.37
N ALA A 207 -7.94 10.36 -1.05
CA ALA A 207 -8.88 9.84 -2.02
C ALA A 207 -9.87 10.89 -2.49
N GLN A 208 -10.45 11.61 -1.53
CA GLN A 208 -11.41 12.65 -1.87
C GLN A 208 -10.80 13.78 -2.72
N LYS A 209 -9.57 14.16 -2.42
CA LYS A 209 -8.90 15.22 -3.17
C LYS A 209 -8.58 14.75 -4.59
N ALA A 210 -8.41 13.44 -4.75
CA ALA A 210 -8.12 12.85 -6.04
C ALA A 210 -9.42 12.61 -6.83
N GLY A 211 -10.55 13.09 -6.31
CA GLY A 211 -11.82 12.89 -6.99
C GLY A 211 -12.55 11.56 -6.70
N VAL A 212 -11.90 10.65 -5.98
CA VAL A 212 -12.51 9.37 -5.62
C VAL A 212 -13.56 9.54 -4.52
N THR A 213 -14.70 8.85 -4.66
CA THR A 213 -15.76 8.93 -3.67
C THR A 213 -15.60 7.77 -2.69
N ILE A 214 -15.72 8.09 -1.40
CA ILE A 214 -15.59 7.08 -0.37
C ILE A 214 -16.91 6.47 0.09
N THR A 215 -16.94 5.15 0.20
CA THR A 215 -18.09 4.45 0.74
C THR A 215 -17.59 3.64 1.94
N ALA A 216 -18.27 3.80 3.07
CA ALA A 216 -17.89 3.10 4.29
C ALA A 216 -18.73 1.85 4.57
N TYR A 217 -18.09 0.81 5.07
CA TYR A 217 -18.83 -0.37 5.48
C TYR A 217 -18.44 -0.61 6.95
N SER A 218 -19.36 -1.23 7.68
CA SER A 218 -19.21 -1.48 9.11
C SER A 218 -19.26 -0.17 9.88
N THR A 238 -18.17 -1.95 22.12
CA THR A 238 -19.25 -1.54 21.23
C THR A 238 -19.41 -0.01 21.19
N LEU A 239 -19.37 0.54 19.98
CA LEU A 239 -19.48 1.97 19.75
C LEU A 239 -20.82 2.60 20.14
N PHE A 240 -21.78 1.75 20.49
CA PHE A 240 -23.09 2.23 20.92
C PHE A 240 -23.07 2.53 22.42
N ALA A 241 -22.10 1.93 23.11
CA ALA A 241 -21.95 2.10 24.55
C ALA A 241 -20.87 3.11 24.91
N HIS A 242 -20.03 3.44 23.94
CA HIS A 242 -18.94 4.39 24.17
C HIS A 242 -19.46 5.74 24.67
N ASP A 243 -18.82 6.28 25.70
CA ASP A 243 -19.24 7.56 26.28
C ASP A 243 -19.20 8.74 25.32
N THR A 244 -18.15 8.83 24.50
CA THR A 244 -18.07 9.93 23.55
C THR A 244 -19.27 9.94 22.62
N ILE A 245 -19.60 8.78 22.04
CA ILE A 245 -20.73 8.64 21.13
C ILE A 245 -22.06 8.84 21.85
N LYS A 246 -22.19 8.20 23.02
CA LYS A 246 -23.39 8.33 23.84
C LYS A 246 -23.64 9.79 24.19
N ALA A 247 -22.59 10.47 24.61
CA ALA A 247 -22.66 11.88 25.00
C ALA A 247 -23.07 12.79 23.84
N ILE A 248 -22.50 12.55 22.67
CA ILE A 248 -22.82 13.36 21.51
C ILE A 248 -24.22 13.05 21.02
N ALA A 249 -24.64 11.81 21.20
CA ALA A 249 -25.98 11.38 20.81
C ALA A 249 -26.98 12.09 21.70
N ALA A 250 -26.72 12.05 23.00
CA ALA A 250 -27.59 12.70 23.98
C ALA A 250 -27.60 14.20 23.75
N LYS A 251 -26.46 14.74 23.34
CA LYS A 251 -26.39 16.17 23.09
C LYS A 251 -27.37 16.65 22.01
N TYR A 252 -27.53 15.86 20.94
CA TYR A 252 -28.42 16.23 19.84
C TYR A 252 -29.76 15.52 19.90
N ASN A 253 -29.93 14.70 20.93
CA ASN A 253 -31.16 13.95 21.11
C ASN A 253 -31.35 13.03 19.92
N LYS A 254 -30.27 12.33 19.59
CA LYS A 254 -30.25 11.37 18.48
C LYS A 254 -29.75 10.04 19.02
N THR A 255 -29.88 8.98 18.24
CA THR A 255 -29.39 7.68 18.69
C THR A 255 -27.89 7.62 18.38
N PRO A 256 -27.18 6.65 18.97
CA PRO A 256 -25.75 6.55 18.69
C PRO A 256 -25.53 6.20 17.22
N ALA A 257 -26.42 5.38 16.67
CA ALA A 257 -26.33 4.97 15.28
C ALA A 257 -26.47 6.20 14.39
N GLU A 258 -27.42 7.07 14.72
CA GLU A 258 -27.61 8.28 13.95
C GLU A 258 -26.35 9.15 13.95
N VAL A 259 -25.68 9.23 15.10
CA VAL A 259 -24.45 10.01 15.20
C VAL A 259 -23.34 9.40 14.33
N LEU A 260 -23.19 8.08 14.38
CA LEU A 260 -22.17 7.42 13.58
C LEU A 260 -22.40 7.61 12.07
N LEU A 261 -23.65 7.51 11.63
CA LEU A 261 -23.93 7.69 10.20
C LEU A 261 -23.71 9.13 9.77
N ARG A 262 -24.14 10.09 10.60
CA ARG A 262 -23.96 11.50 10.26
C ARG A 262 -22.48 11.87 10.30
N TRP A 263 -21.73 11.22 11.17
CA TRP A 263 -20.31 11.49 11.30
C TRP A 263 -19.63 11.25 9.95
N ALA A 264 -20.08 10.24 9.22
CA ALA A 264 -19.51 9.95 7.92
C ALA A 264 -20.18 10.80 6.83
N ALA A 265 -21.51 10.80 6.82
CA ALA A 265 -22.28 11.55 5.83
C ALA A 265 -21.83 13.00 5.76
N GLN A 266 -21.69 13.62 6.92
CA GLN A 266 -21.30 15.01 6.95
C GLN A 266 -19.96 15.28 6.27
N ARG A 267 -19.09 14.26 6.23
CA ARG A 267 -17.78 14.45 5.61
C ARG A 267 -17.79 13.95 4.16
N GLY A 268 -18.99 13.79 3.60
CA GLY A 268 -19.15 13.37 2.22
C GLY A 268 -18.92 11.90 1.91
N ILE A 269 -19.07 11.04 2.93
CA ILE A 269 -18.85 9.60 2.79
C ILE A 269 -20.16 8.84 2.72
N ALA A 270 -20.35 8.07 1.64
CA ALA A 270 -21.57 7.28 1.49
C ALA A 270 -21.54 6.16 2.52
N VAL A 271 -22.71 5.77 3.00
CA VAL A 271 -22.79 4.71 3.99
C VAL A 271 -23.76 3.60 3.63
N ILE A 272 -23.45 2.42 4.16
CA ILE A 272 -24.26 1.22 4.00
C ILE A 272 -24.55 0.83 5.45
N PRO A 273 -25.68 1.29 6.01
CA PRO A 273 -26.01 0.97 7.40
C PRO A 273 -25.85 -0.49 7.82
N LYS A 274 -25.08 -0.70 8.90
CA LYS A 274 -24.81 -2.03 9.44
C LYS A 274 -26.08 -2.76 9.90
N SER A 275 -27.11 -2.02 10.30
CA SER A 275 -28.35 -2.64 10.75
C SER A 275 -29.37 -2.75 9.62
N ASN A 276 -30.52 -2.13 9.82
CA ASN A 276 -31.64 -2.11 8.87
C ASN A 276 -32.67 -3.17 9.19
N LEU A 277 -32.86 -3.43 10.48
CA LEU A 277 -33.86 -4.39 10.94
C LEU A 277 -35.18 -3.73 10.53
N PRO A 278 -36.02 -4.44 9.75
CA PRO A 278 -37.31 -3.94 9.27
C PRO A 278 -37.80 -2.57 9.79
N GLU A 279 -37.83 -2.39 11.11
CA GLU A 279 -38.28 -1.12 11.69
C GLU A 279 -37.26 0.00 11.47
N ARG A 280 -35.98 -0.32 11.64
CA ARG A 280 -34.89 0.64 11.48
C ARG A 280 -34.66 1.10 10.04
N LEU A 281 -35.39 0.54 9.09
CA LEU A 281 -35.23 0.91 7.69
C LEU A 281 -35.33 2.42 7.48
N VAL A 282 -36.50 2.99 7.74
CA VAL A 282 -36.71 4.43 7.56
C VAL A 282 -35.76 5.28 8.41
N GLN A 283 -35.47 4.79 9.61
CA GLN A 283 -34.57 5.52 10.51
C GLN A 283 -33.15 5.64 9.96
N ASN A 284 -32.57 4.50 9.57
CA ASN A 284 -31.21 4.46 9.06
C ASN A 284 -30.97 5.23 7.76
N ARG A 285 -31.99 5.90 7.23
CA ARG A 285 -31.83 6.66 5.99
C ARG A 285 -32.31 8.10 6.06
N SER A 286 -32.73 8.53 7.26
CA SER A 286 -33.20 9.89 7.44
C SER A 286 -32.57 10.51 8.70
N PHE A 287 -31.29 10.20 8.89
CA PHE A 287 -30.49 10.67 10.03
C PHE A 287 -29.77 12.00 9.82
N ASN A 288 -29.91 12.59 8.64
CA ASN A 288 -29.23 13.86 8.36
C ASN A 288 -30.04 15.08 8.82
N THR A 289 -30.48 15.04 10.07
CA THR A 289 -31.27 16.13 10.62
C THR A 289 -30.56 17.03 11.63
N PHE A 290 -29.24 16.91 11.73
CA PHE A 290 -28.44 17.72 12.65
C PHE A 290 -26.99 17.80 12.21
N ASP A 291 -26.22 18.74 12.75
CA ASP A 291 -24.83 18.87 12.39
C ASP A 291 -23.86 18.69 13.54
N LEU A 292 -22.76 17.98 13.27
CA LEU A 292 -21.72 17.78 14.27
C LEU A 292 -20.80 18.97 14.11
N THR A 293 -20.18 19.40 15.21
CA THR A 293 -19.27 20.55 15.16
C THR A 293 -17.82 20.12 15.11
N LYS A 294 -16.94 21.09 14.94
CA LYS A 294 -15.52 20.83 14.91
C LYS A 294 -15.13 20.10 16.19
N GLU A 295 -15.64 20.59 17.32
CA GLU A 295 -15.34 19.97 18.61
C GLU A 295 -15.82 18.52 18.66
N ASP A 296 -17.02 18.27 18.14
CA ASP A 296 -17.54 16.91 18.10
C ASP A 296 -16.59 16.01 17.31
N PHE A 297 -16.19 16.48 16.12
CA PHE A 297 -15.27 15.72 15.27
C PHE A 297 -13.93 15.45 15.97
N GLU A 298 -13.42 16.43 16.70
CA GLU A 298 -12.13 16.25 17.39
C GLU A 298 -12.30 15.22 18.50
N GLU A 299 -13.47 15.21 19.11
CA GLU A 299 -13.75 14.25 20.18
C GLU A 299 -13.81 12.84 19.62
N ILE A 300 -14.54 12.67 18.52
CA ILE A 300 -14.65 11.36 17.91
C ILE A 300 -13.29 10.90 17.36
N ALA A 301 -12.49 11.83 16.85
CA ALA A 301 -11.16 11.50 16.33
C ALA A 301 -10.26 10.79 17.35
N LYS A 302 -10.52 11.02 18.63
CA LYS A 302 -9.71 10.40 19.68
C LYS A 302 -10.00 8.90 19.82
N LEU A 303 -11.10 8.44 19.24
CA LEU A 303 -11.43 7.04 19.32
C LEU A 303 -10.62 6.19 18.34
N ASP A 304 -9.96 6.84 17.38
CA ASP A 304 -9.19 6.15 16.35
C ASP A 304 -7.98 5.35 16.86
N ILE A 305 -8.16 4.04 17.01
CA ILE A 305 -7.07 3.18 17.49
C ILE A 305 -6.49 2.27 16.41
N GLY A 306 -6.94 2.45 15.17
CA GLY A 306 -6.44 1.63 14.09
C GLY A 306 -6.85 0.17 14.20
N LEU A 307 -8.06 -0.08 14.68
CA LEU A 307 -8.56 -1.45 14.82
C LEU A 307 -9.29 -1.85 13.54
N ARG A 308 -8.71 -2.80 12.84
CA ARG A 308 -9.23 -3.30 11.57
C ARG A 308 -9.79 -4.71 11.74
N PHE A 309 -11.10 -4.85 11.63
CA PHE A 309 -11.76 -6.15 11.77
C PHE A 309 -11.66 -7.02 10.50
N ASN A 310 -11.58 -6.38 9.34
CA ASN A 310 -11.52 -7.14 8.09
C ASN A 310 -10.10 -7.05 7.56
N ASP A 311 -9.29 -8.04 7.94
CA ASP A 311 -7.88 -8.05 7.58
C ASP A 311 -7.40 -9.35 6.94
N PRO A 312 -7.04 -9.30 5.65
CA PRO A 312 -6.54 -10.45 4.89
C PRO A 312 -5.28 -11.06 5.52
N TRP A 313 -4.68 -10.35 6.48
CA TRP A 313 -3.49 -10.90 7.14
C TRP A 313 -3.91 -12.14 7.91
N ASP A 314 -5.15 -12.12 8.38
CA ASP A 314 -5.70 -13.23 9.14
C ASP A 314 -6.06 -14.42 8.26
N TRP A 315 -6.24 -14.19 6.96
CA TRP A 315 -6.61 -15.30 6.08
C TRP A 315 -5.41 -16.19 5.79
N ASP A 316 -4.36 -15.56 5.28
CA ASP A 316 -3.17 -16.29 4.89
C ASP A 316 -1.95 -15.36 4.90
N ASN A 317 -1.88 -14.50 5.90
CA ASN A 317 -0.78 -13.54 6.03
C ASN A 317 -0.62 -12.75 4.72
N ILE A 318 -1.73 -12.29 4.16
CA ILE A 318 -1.74 -11.51 2.92
C ILE A 318 -1.48 -10.07 3.36
N PRO A 319 -0.32 -9.52 3.00
CA PRO A 319 0.14 -8.17 3.33
C PRO A 319 -0.56 -6.96 2.77
N ILE A 320 -1.87 -6.98 2.64
CA ILE A 320 -2.57 -5.84 2.09
C ILE A 320 -2.47 -4.59 2.95
N PHE A 321 -2.53 -4.76 4.27
CA PHE A 321 -2.48 -3.60 5.15
C PHE A 321 -1.23 -3.42 6.00
N VAL A 322 -0.09 -3.97 5.55
CA VAL A 322 1.16 -3.85 6.31
C VAL A 322 2.25 -3.14 5.54
N PRO B 6 29.76 -11.50 6.35
CA PRO B 6 28.75 -12.50 5.92
C PRO B 6 27.95 -11.90 4.76
N ASP B 7 27.98 -12.56 3.60
CA ASP B 7 27.21 -12.06 2.47
C ASP B 7 25.86 -12.75 2.43
N ILE B 8 24.90 -12.08 1.84
CA ILE B 8 23.57 -12.61 1.67
C ILE B 8 23.46 -12.91 0.18
N LYS B 9 22.91 -14.06 -0.18
CA LYS B 9 22.75 -14.36 -1.60
C LYS B 9 21.37 -13.83 -2.00
N LEU B 10 21.36 -12.85 -2.89
CA LEU B 10 20.11 -12.25 -3.36
C LEU B 10 19.40 -13.21 -4.30
N SER B 11 18.09 -13.02 -4.49
CA SER B 11 17.30 -13.86 -5.38
C SER B 11 17.84 -13.78 -6.81
N SER B 12 18.67 -12.76 -7.09
CA SER B 12 19.26 -12.59 -8.40
C SER B 12 20.50 -13.48 -8.57
N GLY B 13 20.93 -14.12 -7.48
CA GLY B 13 22.11 -14.96 -7.55
C GLY B 13 23.37 -14.24 -7.09
N HIS B 14 23.36 -12.91 -7.12
CA HIS B 14 24.54 -12.13 -6.72
C HIS B 14 24.64 -12.03 -5.19
N LEU B 15 25.87 -12.03 -4.69
CA LEU B 15 26.12 -11.92 -3.25
C LEU B 15 26.19 -10.46 -2.84
N MET B 16 25.58 -10.16 -1.69
CA MET B 16 25.55 -8.80 -1.17
C MET B 16 25.97 -8.77 0.29
N PRO B 17 26.94 -7.91 0.62
CA PRO B 17 27.41 -7.80 2.00
C PRO B 17 26.25 -7.44 2.95
N SER B 18 26.18 -8.12 4.11
CA SER B 18 25.13 -7.86 5.08
C SER B 18 25.38 -6.55 5.86
N ILE B 19 26.63 -6.07 5.85
CA ILE B 19 26.97 -4.80 6.52
C ILE B 19 27.53 -3.82 5.48
N GLY B 20 26.81 -2.72 5.25
CA GLY B 20 27.28 -1.75 4.28
C GLY B 20 27.63 -0.40 4.90
N PHE B 21 28.21 0.46 4.09
CA PHE B 21 28.60 1.79 4.55
C PHE B 21 27.59 2.77 3.92
N GLY B 22 26.87 3.50 4.77
CA GLY B 22 25.85 4.43 4.29
C GLY B 22 26.41 5.73 3.73
N CYS B 23 25.98 6.11 2.53
CA CYS B 23 26.48 7.34 1.92
C CYS B 23 25.51 8.50 2.11
N TRP B 24 24.37 8.19 2.71
CA TRP B 24 23.35 9.18 2.98
C TRP B 24 23.94 10.27 3.91
N LYS B 25 23.80 11.52 3.47
CA LYS B 25 24.28 12.68 4.19
C LYS B 25 25.79 12.72 4.37
N LEU B 26 26.51 12.01 3.50
CA LEU B 26 27.97 12.02 3.56
C LEU B 26 28.36 13.34 2.90
N ALA B 27 28.87 14.30 3.68
CA ALA B 27 29.25 15.61 3.14
C ALA B 27 30.15 15.47 1.91
N ASN B 28 29.88 16.29 0.90
CA ASN B 28 30.64 16.24 -0.34
C ASN B 28 32.14 16.39 -0.15
N ALA B 29 32.55 17.31 0.72
CA ALA B 29 33.97 17.56 0.95
C ALA B 29 34.73 16.41 1.60
N THR B 30 34.02 15.52 2.29
CA THR B 30 34.70 14.39 2.94
C THR B 30 34.24 13.01 2.51
N ALA B 31 33.32 12.94 1.55
CA ALA B 31 32.81 11.64 1.08
C ALA B 31 33.88 10.75 0.46
N GLY B 32 34.65 11.30 -0.48
CA GLY B 32 35.69 10.52 -1.13
C GLY B 32 36.66 9.90 -0.12
N GLU B 33 37.13 10.73 0.81
CA GLU B 33 38.08 10.30 1.83
C GLU B 33 37.46 9.29 2.78
N GLN B 34 36.22 9.51 3.20
CA GLN B 34 35.61 8.58 4.13
C GLN B 34 35.31 7.22 3.47
N VAL B 35 34.93 7.24 2.20
CA VAL B 35 34.62 6.00 1.49
C VAL B 35 35.92 5.20 1.40
N TYR B 36 37.01 5.90 1.12
CA TYR B 36 38.34 5.29 1.01
C TYR B 36 38.74 4.63 2.32
N GLN B 37 38.71 5.38 3.40
CA GLN B 37 39.06 4.85 4.72
C GLN B 37 38.15 3.69 5.09
N ALA B 38 36.89 3.76 4.66
CA ALA B 38 35.94 2.69 4.95
C ALA B 38 36.41 1.40 4.25
N ILE B 39 36.93 1.54 3.03
CA ILE B 39 37.42 0.37 2.31
C ILE B 39 38.63 -0.22 3.05
N LYS B 40 39.56 0.64 3.45
CA LYS B 40 40.73 0.18 4.19
C LYS B 40 40.28 -0.46 5.51
N ALA B 41 39.15 -0.04 6.04
CA ALA B 41 38.66 -0.61 7.28
C ALA B 41 37.85 -1.89 7.09
N GLY B 42 37.76 -2.38 5.86
CA GLY B 42 37.02 -3.61 5.62
C GLY B 42 35.68 -3.53 4.90
N TYR B 43 35.11 -2.34 4.74
CA TYR B 43 33.82 -2.24 4.07
C TYR B 43 33.90 -2.48 2.58
N ARG B 44 32.91 -3.20 2.05
CA ARG B 44 32.84 -3.50 0.62
C ARG B 44 31.55 -2.99 -0.01
N LEU B 45 30.48 -2.85 0.79
CA LEU B 45 29.23 -2.33 0.27
C LEU B 45 29.06 -0.86 0.65
N PHE B 46 28.63 -0.08 -0.33
CA PHE B 46 28.38 1.34 -0.15
C PHE B 46 26.99 1.67 -0.63
N ASP B 47 26.13 2.06 0.30
CA ASP B 47 24.76 2.40 -0.04
C ASP B 47 24.63 3.88 -0.41
N GLY B 48 24.48 4.14 -1.71
CA GLY B 48 24.36 5.49 -2.20
C GLY B 48 23.05 5.76 -2.90
N ALA B 49 22.90 6.97 -3.43
CA ALA B 49 21.68 7.37 -4.12
C ALA B 49 21.88 8.69 -4.85
N GLU B 50 21.18 8.83 -5.96
CA GLU B 50 21.24 10.05 -6.77
C GLU B 50 20.82 11.22 -5.88
N ASP B 51 19.79 11.01 -5.07
CA ASP B 51 19.33 12.07 -4.19
C ASP B 51 20.37 12.51 -3.15
N TYR B 52 21.30 11.63 -2.79
CA TYR B 52 22.32 11.98 -1.80
C TYR B 52 23.24 13.10 -2.30
N GLY B 53 23.39 13.18 -3.63
CA GLY B 53 24.19 14.22 -4.24
C GLY B 53 25.70 14.17 -4.09
N ASN B 54 26.23 13.03 -3.68
CA ASN B 54 27.67 12.86 -3.49
C ASN B 54 28.18 11.64 -4.24
N GLU B 55 27.40 11.15 -5.19
CA GLU B 55 27.83 9.97 -5.92
C GLU B 55 29.20 10.15 -6.59
N LYS B 56 29.45 11.33 -7.13
CA LYS B 56 30.71 11.61 -7.78
C LYS B 56 31.89 11.50 -6.80
N GLU B 57 31.70 11.97 -5.58
CA GLU B 57 32.75 11.89 -4.58
C GLU B 57 32.93 10.47 -4.07
N VAL B 58 31.83 9.72 -3.96
CA VAL B 58 31.91 8.32 -3.53
C VAL B 58 32.76 7.61 -4.56
N GLY B 59 32.50 7.92 -5.84
CA GLY B 59 33.27 7.34 -6.92
C GLY B 59 34.74 7.66 -6.73
N ASP B 60 35.06 8.86 -6.27
CA ASP B 60 36.45 9.24 -6.06
C ASP B 60 37.11 8.29 -5.07
N GLY B 61 36.44 8.05 -3.94
CA GLY B 61 36.97 7.13 -2.96
C GLY B 61 37.22 5.74 -3.52
N VAL B 62 36.26 5.23 -4.28
CA VAL B 62 36.36 3.91 -4.90
C VAL B 62 37.55 3.83 -5.86
N LYS B 63 37.64 4.82 -6.74
CA LYS B 63 38.72 4.84 -7.73
C LYS B 63 40.08 4.81 -7.02
N ARG B 64 40.26 5.70 -6.05
CA ARG B 64 41.52 5.73 -5.32
C ARG B 64 41.85 4.36 -4.79
N ALA B 65 40.95 3.76 -4.03
CA ALA B 65 41.19 2.44 -3.47
C ALA B 65 41.50 1.42 -4.57
N ILE B 66 40.78 1.49 -5.70
CA ILE B 66 41.04 0.56 -6.80
C ILE B 66 42.39 0.82 -7.46
N ASP B 67 42.73 2.09 -7.68
CA ASP B 67 44.00 2.45 -8.32
C ASP B 67 45.19 2.08 -7.46
N GLU B 68 44.98 2.06 -6.14
CA GLU B 68 46.02 1.71 -5.19
C GLU B 68 46.08 0.19 -5.03
N GLY B 69 45.27 -0.52 -5.82
CA GLY B 69 45.26 -1.97 -5.74
C GLY B 69 44.80 -2.53 -4.41
N LEU B 70 44.00 -1.78 -3.67
CA LEU B 70 43.48 -2.25 -2.40
C LEU B 70 42.33 -3.23 -2.65
N VAL B 71 41.53 -2.93 -3.66
CA VAL B 71 40.40 -3.77 -4.03
C VAL B 71 40.20 -3.65 -5.53
N LYS B 72 39.42 -4.58 -6.07
CA LYS B 72 39.10 -4.59 -7.49
C LYS B 72 37.61 -4.28 -7.58
N ARG B 73 37.17 -3.76 -8.73
CA ARG B 73 35.77 -3.41 -8.94
C ARG B 73 34.81 -4.50 -8.47
N GLU B 74 35.06 -5.74 -8.87
CA GLU B 74 34.19 -6.84 -8.51
C GLU B 74 34.16 -7.20 -7.01
N GLU B 75 35.02 -6.56 -6.21
CA GLU B 75 35.03 -6.82 -4.78
C GLU B 75 34.15 -5.77 -4.09
N ILE B 76 33.86 -4.71 -4.83
CA ILE B 76 33.04 -3.63 -4.32
C ILE B 76 31.59 -3.77 -4.77
N PHE B 77 30.66 -3.58 -3.83
CA PHE B 77 29.24 -3.65 -4.11
C PHE B 77 28.69 -2.22 -3.98
N LEU B 78 28.28 -1.65 -5.11
CA LEU B 78 27.75 -0.31 -5.15
C LEU B 78 26.24 -0.28 -5.36
N THR B 79 25.55 0.37 -4.42
CA THR B 79 24.12 0.52 -4.49
C THR B 79 23.80 1.97 -4.82
N SER B 80 22.78 2.17 -5.64
CA SER B 80 22.35 3.52 -5.95
C SER B 80 20.85 3.44 -6.00
N LYS B 81 20.20 4.59 -6.08
CA LYS B 81 18.75 4.59 -6.11
C LYS B 81 18.26 5.57 -7.17
N LEU B 82 17.19 5.17 -7.85
CA LEU B 82 16.59 5.98 -8.89
C LEU B 82 15.66 7.00 -8.25
N TRP B 83 15.99 8.29 -8.35
CA TRP B 83 15.13 9.29 -7.73
C TRP B 83 13.77 9.42 -8.43
N ASN B 84 12.81 10.02 -7.73
CA ASN B 84 11.42 10.20 -8.17
C ASN B 84 11.10 10.91 -9.50
N ASN B 85 11.93 11.86 -9.93
CA ASN B 85 11.68 12.58 -11.18
C ASN B 85 12.05 11.75 -12.40
N TYR B 86 12.58 10.55 -12.17
CA TYR B 86 13.05 9.68 -13.24
C TYR B 86 12.32 8.36 -13.45
N HIS B 87 11.05 8.27 -13.07
CA HIS B 87 10.29 7.02 -13.22
C HIS B 87 9.81 6.73 -14.63
N ASP B 88 9.59 7.78 -15.43
CA ASP B 88 9.15 7.62 -16.81
C ASP B 88 10.21 6.75 -17.52
N PRO B 89 9.79 5.59 -18.04
CA PRO B 89 10.69 4.67 -18.73
C PRO B 89 11.81 5.31 -19.59
N LYS B 90 11.48 6.33 -20.37
CA LYS B 90 12.46 6.98 -21.24
C LYS B 90 13.56 7.75 -20.49
N ASN B 91 13.32 8.08 -19.23
CA ASN B 91 14.28 8.82 -18.41
C ASN B 91 15.05 7.93 -17.44
N VAL B 92 14.71 6.64 -17.36
CA VAL B 92 15.38 5.77 -16.43
C VAL B 92 16.86 5.54 -16.75
N GLU B 93 17.16 5.19 -18.00
CA GLU B 93 18.54 4.99 -18.38
C GLU B 93 19.30 6.31 -18.29
N THR B 94 18.62 7.43 -18.56
CA THR B 94 19.26 8.74 -18.47
C THR B 94 19.83 8.93 -17.06
N ALA B 95 18.98 8.71 -16.05
CA ALA B 95 19.39 8.86 -14.68
C ALA B 95 20.49 7.86 -14.29
N LEU B 96 20.33 6.60 -14.69
CA LEU B 96 21.31 5.58 -14.38
C LEU B 96 22.67 5.94 -14.97
N ASN B 97 22.66 6.50 -16.19
CA ASN B 97 23.89 6.90 -16.85
C ASN B 97 24.61 7.97 -16.04
N LYS B 98 23.84 8.92 -15.54
CA LYS B 98 24.42 9.99 -14.74
C LYS B 98 25.03 9.34 -13.49
N THR B 99 24.34 8.35 -12.95
CA THR B 99 24.85 7.66 -11.76
C THR B 99 26.16 6.93 -12.07
N LEU B 100 26.19 6.22 -13.19
CA LEU B 100 27.38 5.47 -13.59
C LEU B 100 28.55 6.39 -13.87
N ALA B 101 28.28 7.53 -14.52
CA ALA B 101 29.35 8.48 -14.83
C ALA B 101 29.95 9.10 -13.55
N ASP B 102 29.09 9.46 -12.60
CA ASP B 102 29.58 10.06 -11.36
C ASP B 102 30.37 9.01 -10.56
N LEU B 103 29.89 7.78 -10.56
CA LEU B 103 30.57 6.72 -9.82
C LEU B 103 31.80 6.20 -10.57
N LYS B 104 31.90 6.54 -11.85
CA LYS B 104 33.01 6.12 -12.70
C LYS B 104 33.09 4.60 -12.78
N VAL B 105 31.96 3.97 -13.07
CA VAL B 105 31.89 2.53 -13.20
C VAL B 105 30.98 2.19 -14.37
N ASP B 106 31.06 0.96 -14.86
CA ASP B 106 30.24 0.53 -15.99
C ASP B 106 28.88 -0.01 -15.55
N TYR B 107 28.78 -0.35 -14.27
CA TYR B 107 27.52 -0.89 -13.74
C TYR B 107 27.44 -0.68 -12.23
N VAL B 108 26.21 -0.72 -11.71
CA VAL B 108 26.00 -0.62 -10.27
C VAL B 108 25.55 -2.04 -9.86
N ASP B 109 25.86 -2.44 -8.65
CA ASP B 109 25.50 -3.77 -8.19
C ASP B 109 24.03 -3.91 -7.84
N LEU B 110 23.45 -2.79 -7.41
CA LEU B 110 22.06 -2.77 -7.04
C LEU B 110 21.49 -1.39 -7.32
N PHE B 111 20.34 -1.33 -7.96
CA PHE B 111 19.70 -0.06 -8.26
C PHE B 111 18.29 -0.17 -7.75
N LEU B 112 17.92 0.71 -6.82
CA LEU B 112 16.58 0.65 -6.23
C LEU B 112 15.68 1.80 -6.63
N ILE B 113 14.37 1.53 -6.72
CA ILE B 113 13.40 2.60 -6.97
C ILE B 113 13.38 3.24 -5.57
N HIS B 114 13.90 4.46 -5.48
CA HIS B 114 13.99 5.12 -4.18
C HIS B 114 12.67 5.26 -3.44
N PHE B 115 11.63 5.72 -4.14
CA PHE B 115 10.28 5.86 -3.56
C PHE B 115 9.23 5.48 -4.63
N PRO B 116 8.07 4.97 -4.19
CA PRO B 116 6.99 4.61 -5.12
C PRO B 116 6.25 5.93 -5.42
N ILE B 117 7.03 6.90 -5.87
CA ILE B 117 6.55 8.25 -6.15
C ILE B 117 7.15 8.75 -7.48
N ALA B 118 6.32 9.31 -8.35
CA ALA B 118 6.82 9.77 -9.64
C ALA B 118 6.67 11.28 -9.85
N PHE B 119 7.78 12.00 -9.68
CA PHE B 119 7.81 13.44 -9.88
C PHE B 119 7.94 13.76 -11.37
N LYS B 120 7.53 14.97 -11.75
CA LYS B 120 7.65 15.40 -13.14
C LYS B 120 9.14 15.45 -13.48
N PHE B 121 9.52 14.89 -14.62
CA PHE B 121 10.91 14.89 -15.04
C PHE B 121 11.54 16.29 -15.06
N VAL B 122 12.79 16.37 -14.65
CA VAL B 122 13.54 17.63 -14.65
C VAL B 122 14.88 17.29 -15.28
N PRO B 123 15.24 17.99 -16.36
CA PRO B 123 16.52 17.74 -17.06
C PRO B 123 17.66 17.80 -16.08
N ILE B 124 18.65 16.92 -16.24
CA ILE B 124 19.79 16.91 -15.34
C ILE B 124 20.57 18.21 -15.41
N GLU B 125 20.58 18.86 -16.57
CA GLU B 125 21.29 20.11 -16.72
C GLU B 125 20.55 21.27 -16.04
N GLU B 126 19.26 21.09 -15.76
CA GLU B 126 18.52 22.17 -15.10
C GLU B 126 18.76 22.14 -13.61
N LYS B 127 18.60 20.96 -13.01
CA LYS B 127 18.82 20.81 -11.58
C LYS B 127 19.17 19.38 -11.21
N TYR B 128 20.33 19.18 -10.58
CA TYR B 128 20.73 17.84 -10.17
C TYR B 128 21.58 17.87 -8.86
N PRO B 129 21.16 17.10 -7.84
CA PRO B 129 19.97 16.25 -7.80
C PRO B 129 18.76 17.19 -7.76
N PRO B 130 17.60 16.75 -8.28
CA PRO B 130 16.42 17.62 -8.27
C PRO B 130 15.73 17.79 -6.91
N GLY B 131 15.82 16.76 -6.05
CA GLY B 131 15.17 16.85 -4.75
C GLY B 131 13.67 16.91 -4.93
N PHE B 132 13.03 17.89 -4.29
CA PHE B 132 11.58 18.04 -4.41
C PHE B 132 11.16 18.94 -5.58
N TYR B 133 12.14 19.57 -6.24
CA TYR B 133 11.87 20.43 -7.37
C TYR B 133 11.28 19.58 -8.49
N CYS B 134 10.13 20.01 -9.01
CA CYS B 134 9.46 19.29 -10.08
C CYS B 134 9.32 20.15 -11.33
N GLY B 135 10.16 21.17 -11.45
CA GLY B 135 10.13 22.03 -12.61
C GLY B 135 9.06 23.11 -12.59
N ASP B 136 8.52 23.41 -11.41
CA ASP B 136 7.50 24.44 -11.28
C ASP B 136 7.54 25.12 -9.91
N GLY B 137 8.56 25.93 -9.71
CA GLY B 137 8.71 26.64 -8.46
C GLY B 137 8.73 25.68 -7.31
N ASN B 138 7.89 25.93 -6.31
CA ASN B 138 7.79 25.08 -5.13
C ASN B 138 6.66 24.07 -5.26
N ASN B 139 6.02 24.00 -6.42
CA ASN B 139 4.93 23.05 -6.58
C ASN B 139 5.41 21.63 -6.86
N PHE B 140 4.67 20.67 -6.32
CA PHE B 140 4.99 19.29 -6.58
C PHE B 140 4.17 18.96 -7.82
N VAL B 141 4.79 18.31 -8.79
CA VAL B 141 4.11 17.92 -10.02
C VAL B 141 4.45 16.45 -10.23
N TYR B 142 3.44 15.64 -10.54
CA TYR B 142 3.62 14.20 -10.74
C TYR B 142 3.37 13.71 -12.15
N GLU B 143 3.89 12.53 -12.48
CA GLU B 143 3.69 11.93 -13.79
C GLU B 143 2.88 10.64 -13.60
N ASP B 144 2.06 10.28 -14.58
CA ASP B 144 1.28 9.05 -14.49
C ASP B 144 2.09 7.86 -14.98
N VAL B 145 3.10 7.47 -14.23
CA VAL B 145 3.92 6.32 -14.58
C VAL B 145 3.73 5.26 -13.52
N PRO B 146 3.02 4.17 -13.86
CA PRO B 146 2.80 3.09 -12.90
C PRO B 146 4.15 2.48 -12.53
N ILE B 147 4.27 1.99 -11.29
CA ILE B 147 5.51 1.37 -10.84
C ILE B 147 6.04 0.32 -11.83
N LEU B 148 5.16 -0.54 -12.30
CA LEU B 148 5.57 -1.60 -13.21
C LEU B 148 6.22 -1.10 -14.51
N GLU B 149 5.83 0.08 -14.98
CA GLU B 149 6.45 0.61 -16.21
C GLU B 149 7.90 0.98 -15.90
N THR B 150 8.09 1.59 -14.74
CA THR B 150 9.42 1.96 -14.31
C THR B 150 10.22 0.67 -14.10
N TRP B 151 9.56 -0.35 -13.56
CA TRP B 151 10.24 -1.62 -13.30
C TRP B 151 10.72 -2.32 -14.56
N LYS B 152 9.85 -2.40 -15.57
CA LYS B 152 10.24 -3.03 -16.82
C LYS B 152 11.47 -2.33 -17.39
N ALA B 153 11.52 -1.00 -17.28
CA ALA B 153 12.66 -0.24 -17.77
C ALA B 153 13.93 -0.71 -17.06
N LEU B 154 13.81 -0.96 -15.75
CA LEU B 154 14.95 -1.41 -14.97
C LEU B 154 15.39 -2.80 -15.42
N GLU B 155 14.41 -3.66 -15.70
CA GLU B 155 14.68 -5.01 -16.15
C GLU B 155 15.46 -4.98 -17.47
N LYS B 156 15.16 -4.00 -18.32
CA LYS B 156 15.89 -3.87 -19.59
C LYS B 156 17.35 -3.55 -19.32
N LEU B 157 17.57 -2.62 -18.40
CA LEU B 157 18.92 -2.23 -18.06
C LEU B 157 19.72 -3.37 -17.39
N VAL B 158 19.03 -4.29 -16.73
CA VAL B 158 19.75 -5.42 -16.14
C VAL B 158 20.19 -6.33 -17.30
N ALA B 159 19.33 -6.50 -18.30
CA ALA B 159 19.68 -7.35 -19.44
C ALA B 159 20.79 -6.70 -20.25
N ALA B 160 20.85 -5.38 -20.18
CA ALA B 160 21.87 -4.61 -20.89
C ALA B 160 23.19 -4.71 -20.14
N GLY B 161 23.14 -5.25 -18.92
CA GLY B 161 24.34 -5.40 -18.11
C GLY B 161 24.77 -4.15 -17.35
N LYS B 162 23.93 -3.11 -17.33
CA LYS B 162 24.27 -1.88 -16.60
C LYS B 162 23.92 -1.99 -15.11
N ILE B 163 23.08 -2.97 -14.78
CA ILE B 163 22.65 -3.20 -13.40
C ILE B 163 22.76 -4.68 -13.09
N LYS B 164 23.30 -5.01 -11.93
CA LYS B 164 23.42 -6.40 -11.53
C LYS B 164 22.09 -6.86 -10.92
N SER B 165 21.66 -6.18 -9.86
CA SER B 165 20.40 -6.53 -9.21
C SER B 165 19.51 -5.30 -9.04
N ILE B 166 18.20 -5.52 -8.99
CA ILE B 166 17.26 -4.43 -8.78
C ILE B 166 16.32 -4.69 -7.59
N GLY B 167 15.85 -3.62 -6.96
CA GLY B 167 14.95 -3.74 -5.83
C GLY B 167 14.17 -2.44 -5.64
N VAL B 168 13.52 -2.32 -4.49
CA VAL B 168 12.72 -1.14 -4.19
C VAL B 168 12.93 -0.67 -2.75
N SER B 169 12.66 0.62 -2.53
CA SER B 169 12.79 1.26 -1.22
C SER B 169 11.48 1.90 -0.84
N ASN B 170 11.10 1.76 0.43
CA ASN B 170 9.90 2.39 0.94
C ASN B 170 8.58 1.95 0.30
N PHE B 171 8.48 0.66 0.03
CA PHE B 171 7.25 0.10 -0.53
C PHE B 171 6.50 -0.62 0.58
N PRO B 172 5.21 -0.29 0.76
CA PRO B 172 4.41 -0.97 1.79
C PRO B 172 4.03 -2.34 1.19
N GLY B 173 3.44 -3.20 2.00
CA GLY B 173 3.06 -4.54 1.57
C GLY B 173 2.25 -4.77 0.30
N ALA B 174 1.09 -4.12 0.19
CA ALA B 174 0.22 -4.30 -0.98
C ALA B 174 0.90 -3.92 -2.30
N LEU B 175 1.81 -2.95 -2.23
CA LEU B 175 2.51 -2.49 -3.41
C LEU B 175 3.59 -3.49 -3.83
N LEU B 176 4.34 -4.00 -2.84
CA LEU B 176 5.37 -4.98 -3.15
C LEU B 176 4.67 -6.23 -3.73
N LEU B 177 3.56 -6.63 -3.10
CA LEU B 177 2.82 -7.80 -3.56
C LEU B 177 2.39 -7.60 -5.03
N ASP B 178 1.78 -6.46 -5.34
CA ASP B 178 1.36 -6.23 -6.72
C ASP B 178 2.56 -6.20 -7.67
N LEU B 179 3.69 -5.60 -7.24
CA LEU B 179 4.87 -5.57 -8.11
C LEU B 179 5.36 -6.99 -8.36
N LEU B 180 5.30 -7.85 -7.34
CA LEU B 180 5.72 -9.24 -7.49
C LEU B 180 4.85 -9.99 -8.50
N ARG B 181 3.61 -9.53 -8.67
CA ARG B 181 2.69 -10.17 -9.60
C ARG B 181 3.10 -9.91 -11.04
N GLY B 182 3.62 -8.72 -11.31
CA GLY B 182 3.99 -8.38 -12.67
C GLY B 182 5.45 -8.41 -13.03
N ALA B 183 6.32 -8.56 -12.02
CA ALA B 183 7.74 -8.56 -12.27
C ALA B 183 8.28 -9.83 -12.92
N THR B 184 9.22 -9.67 -13.84
CA THR B 184 9.84 -10.84 -14.47
C THR B 184 11.04 -11.10 -13.58
N ILE B 185 11.81 -10.05 -13.30
CA ILE B 185 12.92 -10.17 -12.38
C ILE B 185 12.31 -9.65 -11.07
N LYS B 186 12.15 -10.53 -10.10
CA LYS B 186 11.57 -10.13 -8.83
C LYS B 186 12.49 -9.16 -8.08
N PRO B 187 11.90 -8.20 -7.37
CA PRO B 187 12.74 -7.25 -6.62
C PRO B 187 13.53 -8.10 -5.61
N ALA B 188 14.86 -7.98 -5.66
CA ALA B 188 15.77 -8.73 -4.80
C ALA B 188 15.94 -8.14 -3.40
N VAL B 189 15.66 -6.85 -3.30
CA VAL B 189 15.81 -6.14 -2.04
C VAL B 189 14.68 -5.18 -1.75
N LEU B 190 14.30 -5.11 -0.48
CA LEU B 190 13.30 -4.18 0.01
C LEU B 190 14.07 -3.41 1.08
N GLN B 191 14.30 -2.12 0.84
CA GLN B 191 15.01 -1.30 1.79
C GLN B 191 13.99 -0.40 2.49
N VAL B 192 13.84 -0.58 3.80
CA VAL B 192 12.88 0.23 4.54
C VAL B 192 13.42 0.82 5.84
N GLU B 193 12.73 1.86 6.32
CA GLU B 193 13.10 2.46 7.59
C GLU B 193 12.81 1.32 8.58
N HIS B 194 13.80 0.96 9.39
CA HIS B 194 13.61 -0.13 10.33
C HIS B 194 14.45 0.06 11.59
N HIS B 195 13.76 0.05 12.72
CA HIS B 195 14.38 0.23 14.02
C HIS B 195 13.36 -0.25 15.08
N PRO B 196 13.76 -0.26 16.38
CA PRO B 196 12.85 -0.71 17.45
C PRO B 196 11.52 0.01 17.60
N TYR B 197 11.42 1.24 17.12
CA TYR B 197 10.16 2.00 17.17
C TYR B 197 9.28 1.78 15.94
N LEU B 198 9.86 1.26 14.87
CA LEU B 198 9.10 0.99 13.65
C LEU B 198 9.57 -0.39 13.19
N GLN B 199 9.03 -1.41 13.83
CA GLN B 199 9.42 -2.78 13.55
C GLN B 199 8.75 -3.47 12.37
N GLN B 200 7.52 -3.05 12.04
CA GLN B 200 6.75 -3.63 10.93
C GLN B 200 7.03 -5.12 10.71
N PRO B 201 6.86 -5.94 11.77
CA PRO B 201 7.13 -7.38 11.66
C PRO B 201 6.33 -8.13 10.59
N LYS B 202 5.10 -7.72 10.33
CA LYS B 202 4.32 -8.43 9.31
C LYS B 202 4.89 -8.21 7.91
N LEU B 203 5.30 -6.98 7.63
CA LEU B 203 5.87 -6.62 6.35
C LEU B 203 7.16 -7.43 6.16
N ILE B 204 8.04 -7.33 7.16
CA ILE B 204 9.32 -8.04 7.14
C ILE B 204 9.11 -9.51 6.89
N GLU B 205 8.17 -10.10 7.61
CA GLU B 205 7.89 -11.51 7.48
C GLU B 205 7.40 -11.85 6.07
N PHE B 206 6.50 -11.04 5.54
CA PHE B 206 6.01 -11.26 4.19
C PHE B 206 7.15 -11.19 3.16
N ALA B 207 7.94 -10.12 3.21
CA ALA B 207 9.02 -9.93 2.25
C ALA B 207 10.03 -11.05 2.34
N GLN B 208 10.36 -11.43 3.58
CA GLN B 208 11.35 -12.48 3.75
C GLN B 208 10.87 -13.81 3.19
N LYS B 209 9.60 -14.16 3.46
CA LYS B 209 9.06 -15.41 2.96
C LYS B 209 8.85 -15.39 1.46
N ALA B 210 8.75 -14.20 0.88
CA ALA B 210 8.58 -14.09 -0.56
C ALA B 210 9.95 -14.10 -1.22
N GLY B 211 10.99 -14.31 -0.41
CA GLY B 211 12.35 -14.36 -0.93
C GLY B 211 13.04 -13.02 -1.17
N VAL B 212 12.40 -11.94 -0.73
CA VAL B 212 12.99 -10.63 -0.90
C VAL B 212 13.89 -10.34 0.30
N THR B 213 15.10 -9.85 0.04
CA THR B 213 16.01 -9.54 1.12
C THR B 213 15.75 -8.14 1.68
N ILE B 214 15.77 -8.02 3.01
CA ILE B 214 15.53 -6.73 3.66
C ILE B 214 16.81 -5.97 3.98
N THR B 215 16.82 -4.67 3.71
CA THR B 215 17.94 -3.81 4.10
C THR B 215 17.30 -2.72 4.96
N ALA B 216 17.85 -2.56 6.16
CA ALA B 216 17.34 -1.58 7.11
C ALA B 216 18.14 -0.29 7.19
N TYR B 217 17.40 0.81 7.29
CA TYR B 217 18.03 2.11 7.50
C TYR B 217 17.22 2.72 8.64
N SER B 218 17.85 3.57 9.43
CA SER B 218 17.14 4.20 10.53
C SER B 218 17.59 5.65 10.60
N SER B 219 18.16 6.10 9.48
CA SER B 219 18.69 7.45 9.29
C SER B 219 18.00 8.55 10.08
N PHE B 220 16.68 8.65 9.96
CA PHE B 220 15.92 9.68 10.67
C PHE B 220 15.44 9.14 12.02
N LEU B 239 17.23 5.78 21.42
CA LEU B 239 17.42 4.32 21.44
C LEU B 239 18.77 3.94 22.06
N PHE B 240 19.80 4.74 21.82
CA PHE B 240 21.12 4.45 22.39
C PHE B 240 21.06 4.72 23.90
N ALA B 241 20.05 5.46 24.32
CA ALA B 241 19.86 5.80 25.72
C ALA B 241 18.62 5.12 26.31
N HIS B 242 18.03 4.19 25.56
CA HIS B 242 16.84 3.50 26.03
C HIS B 242 17.16 2.48 27.11
N ASP B 243 16.28 2.40 28.09
CA ASP B 243 16.43 1.47 29.19
C ASP B 243 16.63 0.05 28.70
N THR B 244 15.80 -0.37 27.74
CA THR B 244 15.86 -1.71 27.21
C THR B 244 17.12 -2.00 26.40
N ILE B 245 17.49 -1.06 25.52
CA ILE B 245 18.67 -1.23 24.70
C ILE B 245 19.93 -1.14 25.58
N LYS B 246 19.94 -0.19 26.52
CA LYS B 246 21.08 -0.01 27.42
C LYS B 246 21.32 -1.26 28.24
N ALA B 247 20.27 -1.78 28.85
CA ALA B 247 20.39 -2.99 29.66
C ALA B 247 20.96 -4.14 28.84
N ILE B 248 20.28 -4.50 27.75
CA ILE B 248 20.75 -5.60 26.89
C ILE B 248 22.19 -5.34 26.46
N ALA B 249 22.48 -4.10 26.09
CA ALA B 249 23.82 -3.71 25.69
C ALA B 249 24.77 -3.88 26.88
N ALA B 250 24.49 -3.18 27.97
CA ALA B 250 25.31 -3.26 29.16
C ALA B 250 25.39 -4.70 29.62
N LYS B 251 24.41 -5.51 29.24
CA LYS B 251 24.42 -6.91 29.62
C LYS B 251 25.49 -7.69 28.89
N TYR B 252 25.62 -7.46 27.58
CA TYR B 252 26.61 -8.16 26.76
C TYR B 252 27.91 -7.37 26.63
N ASN B 253 27.94 -6.21 27.28
CA ASN B 253 29.11 -5.33 27.23
C ASN B 253 29.37 -4.89 25.79
N LYS B 254 28.35 -4.34 25.16
CA LYS B 254 28.47 -3.83 23.79
C LYS B 254 27.90 -2.42 23.83
N THR B 255 28.00 -1.72 22.72
CA THR B 255 27.41 -0.39 22.64
C THR B 255 25.95 -0.64 22.28
N PRO B 256 25.09 0.34 22.55
CA PRO B 256 23.69 0.13 22.18
C PRO B 256 23.59 -0.08 20.67
N ALA B 257 24.52 0.55 19.95
CA ALA B 257 24.57 0.44 18.48
C ALA B 257 24.91 -1.00 18.03
N GLU B 258 25.88 -1.62 18.69
CA GLU B 258 26.23 -2.99 18.34
C GLU B 258 25.00 -3.86 18.54
N VAL B 259 24.19 -3.49 19.54
CA VAL B 259 22.97 -4.23 19.86
C VAL B 259 21.90 -4.04 18.78
N LEU B 260 21.70 -2.80 18.35
CA LEU B 260 20.71 -2.52 17.31
C LEU B 260 21.10 -3.26 16.03
N LEU B 261 22.37 -3.15 15.63
CA LEU B 261 22.85 -3.83 14.43
C LEU B 261 22.69 -5.35 14.57
N ARG B 262 23.04 -5.91 15.72
CA ARG B 262 22.91 -7.35 15.88
C ARG B 262 21.44 -7.78 15.82
N TRP B 263 20.58 -7.00 16.46
CA TRP B 263 19.14 -7.25 16.49
C TRP B 263 18.60 -7.46 15.07
N ALA B 264 19.06 -6.61 14.15
CA ALA B 264 18.62 -6.71 12.76
C ALA B 264 19.32 -7.89 12.05
N ALA B 265 20.64 -7.87 12.06
CA ALA B 265 21.45 -8.90 11.43
C ALA B 265 21.06 -10.35 11.76
N GLN B 266 20.76 -10.62 13.03
CA GLN B 266 20.41 -11.97 13.45
C GLN B 266 19.04 -12.40 12.94
N ARG B 267 18.26 -11.45 12.46
CA ARG B 267 16.95 -11.75 11.92
C ARG B 267 17.05 -11.80 10.41
N GLY B 268 18.29 -11.87 9.92
CA GLY B 268 18.53 -11.96 8.48
C GLY B 268 18.49 -10.66 7.70
N ILE B 269 18.37 -9.53 8.39
CA ILE B 269 18.30 -8.21 7.77
C ILE B 269 19.66 -7.54 7.55
N ALA B 270 19.87 -6.98 6.35
CA ALA B 270 21.12 -6.29 6.05
C ALA B 270 21.03 -4.93 6.71
N VAL B 271 22.18 -4.36 7.06
CA VAL B 271 22.17 -3.09 7.73
C VAL B 271 23.22 -2.12 7.22
N ILE B 272 22.93 -0.84 7.44
CA ILE B 272 23.80 0.25 7.06
C ILE B 272 24.12 1.02 8.34
N PRO B 273 25.33 0.85 8.88
CA PRO B 273 25.60 1.60 10.11
C PRO B 273 25.43 3.11 9.84
N LYS B 274 24.64 3.75 10.71
CA LYS B 274 24.33 5.18 10.59
C LYS B 274 25.28 6.15 11.30
N SER B 275 26.54 6.17 10.88
CA SER B 275 27.53 7.09 11.45
C SER B 275 28.95 6.67 11.08
N ASN B 276 29.30 5.46 11.46
CA ASN B 276 30.63 4.93 11.21
C ASN B 276 31.69 5.98 11.53
N LEU B 277 31.51 6.67 12.66
CA LEU B 277 32.47 7.68 13.09
C LEU B 277 33.84 7.02 13.05
N PRO B 278 34.81 7.64 12.36
CA PRO B 278 36.17 7.10 12.24
C PRO B 278 36.59 6.18 13.38
N GLU B 279 36.15 6.52 14.60
CA GLU B 279 36.47 5.73 15.79
C GLU B 279 35.75 4.38 15.78
N ARG B 280 34.45 4.42 15.52
CA ARG B 280 33.61 3.23 15.49
C ARG B 280 33.51 2.61 14.10
N LEU B 281 34.38 3.01 13.18
CA LEU B 281 34.35 2.46 11.83
C LEU B 281 34.39 0.94 11.87
N VAL B 282 35.48 0.41 12.42
CA VAL B 282 35.69 -1.02 12.55
C VAL B 282 34.63 -1.67 13.43
N GLN B 283 34.29 -1.00 14.52
CA GLN B 283 33.30 -1.52 15.45
C GLN B 283 31.93 -1.79 14.84
N ASN B 284 31.52 -0.94 13.90
CA ASN B 284 30.21 -1.12 13.29
C ASN B 284 30.11 -2.23 12.24
N ARG B 285 31.25 -2.85 11.94
CA ARG B 285 31.30 -3.94 10.98
C ARG B 285 31.73 -5.24 11.67
N SER B 286 31.87 -5.21 12.99
CA SER B 286 32.29 -6.41 13.69
C SER B 286 31.54 -6.69 14.99
N PHE B 287 30.22 -6.59 14.90
CA PHE B 287 29.32 -6.78 16.03
C PHE B 287 28.70 -8.19 16.14
N ASN B 288 29.05 -9.09 15.24
CA ASN B 288 28.50 -10.44 15.30
C ASN B 288 29.35 -11.37 16.17
N THR B 289 29.60 -10.93 17.41
CA THR B 289 30.39 -11.70 18.36
C THR B 289 29.54 -12.26 19.49
N PHE B 290 28.23 -11.99 19.43
CA PHE B 290 27.29 -12.47 20.43
C PHE B 290 25.91 -12.65 19.81
N ASP B 291 25.07 -13.43 20.48
CA ASP B 291 23.71 -13.67 20.03
C ASP B 291 22.68 -13.12 21.00
N LEU B 292 21.58 -12.61 20.46
CA LEU B 292 20.50 -12.11 21.27
C LEU B 292 19.62 -13.32 21.55
N THR B 293 19.01 -13.37 22.73
CA THR B 293 18.17 -14.51 23.10
C THR B 293 16.69 -14.25 22.81
N LYS B 294 15.88 -15.31 22.92
CA LYS B 294 14.45 -15.18 22.70
C LYS B 294 13.90 -14.04 23.57
N GLU B 295 14.38 -13.97 24.81
CA GLU B 295 13.95 -12.94 25.73
C GLU B 295 14.45 -11.55 25.30
N ASP B 296 15.70 -11.46 24.84
CA ASP B 296 16.21 -10.18 24.37
C ASP B 296 15.25 -9.66 23.26
N PHE B 297 14.83 -10.56 22.37
CA PHE B 297 13.94 -10.16 21.27
C PHE B 297 12.57 -9.74 21.79
N GLU B 298 12.08 -10.46 22.80
CA GLU B 298 10.80 -10.11 23.38
C GLU B 298 10.86 -8.73 24.03
N GLU B 299 11.97 -8.42 24.69
CA GLU B 299 12.10 -7.12 25.33
C GLU B 299 12.18 -5.98 24.32
N ILE B 300 12.86 -6.23 23.21
CA ILE B 300 12.99 -5.21 22.17
C ILE B 300 11.67 -5.06 21.42
N ALA B 301 10.95 -6.17 21.28
CA ALA B 301 9.67 -6.15 20.57
C ALA B 301 8.67 -5.22 21.24
N LYS B 302 8.81 -5.05 22.56
CA LYS B 302 7.90 -4.20 23.32
C LYS B 302 7.97 -2.73 22.95
N LEU B 303 9.07 -2.33 22.31
CA LEU B 303 9.26 -0.93 21.91
C LEU B 303 8.56 -0.48 20.63
N ASP B 304 8.09 -1.42 19.82
CA ASP B 304 7.45 -1.08 18.55
C ASP B 304 6.18 -0.24 18.71
N ILE B 305 6.26 1.04 18.38
CA ILE B 305 5.08 1.90 18.48
C ILE B 305 4.65 2.46 17.14
N GLY B 306 5.20 1.92 16.06
CA GLY B 306 4.85 2.40 14.73
C GLY B 306 5.17 3.87 14.54
N LEU B 307 6.36 4.28 14.97
CA LEU B 307 6.80 5.67 14.81
C LEU B 307 7.66 5.78 13.54
N ARG B 308 7.12 6.43 12.51
CA ARG B 308 7.82 6.56 11.24
C ARG B 308 8.40 7.95 11.07
N PHE B 309 9.71 8.04 10.85
CA PHE B 309 10.38 9.33 10.69
C PHE B 309 10.55 9.80 9.24
N ASN B 310 10.57 8.86 8.29
CA ASN B 310 10.73 9.24 6.88
C ASN B 310 9.38 8.97 6.21
N ASP B 311 8.50 9.97 6.25
CA ASP B 311 7.15 9.85 5.68
C ASP B 311 6.80 10.90 4.60
N PRO B 312 6.56 10.43 3.36
CA PRO B 312 6.20 11.33 2.24
C PRO B 312 4.90 12.09 2.50
N TRP B 313 4.11 11.64 3.46
CA TRP B 313 2.88 12.34 3.81
C TRP B 313 3.24 13.76 4.26
N ASP B 314 4.44 13.91 4.83
CA ASP B 314 4.88 15.22 5.30
C ASP B 314 5.37 16.09 4.14
N TRP B 315 5.71 15.48 3.01
CA TRP B 315 6.19 16.30 1.89
C TRP B 315 5.05 17.05 1.20
N ASP B 316 3.99 16.31 0.86
CA ASP B 316 2.88 16.89 0.11
C ASP B 316 1.66 15.95 0.23
N ASN B 317 1.49 15.38 1.42
CA ASN B 317 0.40 14.45 1.68
C ASN B 317 0.37 13.28 0.68
N ILE B 318 1.54 12.72 0.42
CA ILE B 318 1.65 11.57 -0.47
C ILE B 318 1.30 10.35 0.39
N PRO B 319 0.22 9.62 0.02
CA PRO B 319 -0.35 8.44 0.68
C PRO B 319 0.39 7.11 0.65
N ILE B 320 1.71 7.14 0.66
CA ILE B 320 2.48 5.90 0.61
C ILE B 320 2.25 5.00 1.82
N PHE B 321 2.17 5.58 3.01
CA PHE B 321 1.98 4.76 4.21
C PHE B 321 0.62 4.92 4.88
N VAL B 322 -0.41 5.26 4.11
CA VAL B 322 -1.75 5.41 4.70
C VAL B 322 -2.77 4.47 4.04
#